data_1S6R
#
_entry.id   1S6R
#
_cell.length_a   46.381
_cell.length_b   83.763
_cell.length_c   95.810
_cell.angle_alpha   90.00
_cell.angle_beta   90.00
_cell.angle_gamma   90.00
#
_symmetry.space_group_name_H-M   'P 21 21 2'
#
loop_
_entity.id
_entity.type
_entity.pdbx_description
1 polymer beta-lactamase
2 non-polymer '4-IODO-ACETAMIDO PHENYLBORONIC ACID'
3 water water
#
_entity_poly.entity_id   1
_entity_poly.type   'polypeptide(L)'
_entity_poly.pdbx_seq_one_letter_code
;VSEKQLAEVVANTVTPLMKAQSVPGMAVAVIYQGKPHYYTFGKADIAANKPVTPQTLFELGSISKTFTGVLGGDAIARGE
ISLDDPVTRYWPQLTGKQWQGIRMLDLATYTAGGLPLQVPDEVTDNASLVRFYQNWQPQWKPGTTRLYANASIGLFGALA
VKPSGMPYEQAMTTRVLKPLKLDHTWINVPKAEEAHYAWGYRDGKAVRVSPGMLDAQAYGVKTNVQDMANWVMANMAPEN
VADASLKQGIALAQSRYWRIGSMYQGLGWEMLNWPVEANTVVEGSDSKVALAPLPVVEVNPPAPPVKASWVHKTGSTGGF
GSYVAFIPEKQIGIVMLANTSYPNPARVEAAYHILEALQ
;
_entity_poly.pdbx_strand_id   A
#
loop_
_chem_comp.id
_chem_comp.type
_chem_comp.name
_chem_comp.formula
IAP non-polymer '4-IODO-ACETAMIDO PHENYLBORONIC ACID' 'C8 H9 B I N O3'
#
# COMPACT_ATOMS: atom_id res chain seq x y z
N VAL A 1 -19.08 -20.00 -14.75
CA VAL A 1 -18.17 -18.88 -14.53
C VAL A 1 -18.92 -17.61 -14.14
N SER A 2 -20.15 -17.50 -14.64
CA SER A 2 -20.90 -16.27 -14.39
C SER A 2 -20.09 -15.07 -14.88
N GLU A 3 -19.33 -15.27 -15.96
CA GLU A 3 -18.51 -14.21 -16.54
C GLU A 3 -19.43 -13.14 -17.13
N LYS A 4 -20.60 -13.56 -17.60
CA LYS A 4 -21.54 -12.61 -18.17
C LYS A 4 -22.18 -11.77 -17.06
N GLN A 5 -22.54 -12.43 -15.96
CA GLN A 5 -23.11 -11.68 -14.84
C GLN A 5 -22.02 -10.95 -14.07
N LEU A 6 -20.82 -11.53 -14.04
CA LEU A 6 -19.69 -10.92 -13.33
C LEU A 6 -19.24 -9.63 -14.00
N ALA A 7 -19.28 -9.60 -15.32
CA ALA A 7 -18.89 -8.39 -16.04
C ALA A 7 -20.03 -7.39 -16.04
N GLU A 8 -21.14 -7.79 -15.40
CA GLU A 8 -22.31 -6.95 -15.22
C GLU A 8 -22.25 -6.28 -13.85
N VAL A 9 -21.67 -6.98 -12.88
CA VAL A 9 -21.48 -6.40 -11.55
C VAL A 9 -20.59 -5.17 -11.67
N VAL A 10 -19.47 -5.34 -12.37
CA VAL A 10 -18.53 -4.29 -12.69
C VAL A 10 -19.28 -3.03 -13.13
N ALA A 11 -19.87 -3.13 -14.31
CA ALA A 11 -20.57 -2.00 -14.93
C ALA A 11 -21.54 -1.33 -13.95
N ASN A 12 -22.48 -2.10 -13.45
CA ASN A 12 -23.57 -1.65 -12.60
C ASN A 12 -23.11 -1.01 -11.30
N THR A 13 -21.81 -1.10 -10.98
CA THR A 13 -21.33 -0.52 -9.73
C THR A 13 -20.41 0.66 -9.97
N VAL A 14 -19.52 0.58 -10.95
CA VAL A 14 -18.59 1.68 -11.13
C VAL A 14 -19.19 2.80 -11.98
N THR A 15 -20.08 2.48 -12.91
CA THR A 15 -20.65 3.57 -13.72
C THR A 15 -21.39 4.59 -12.87
N PRO A 16 -22.25 4.24 -11.92
CA PRO A 16 -22.91 5.31 -11.14
C PRO A 16 -21.91 6.02 -10.24
N LEU A 17 -20.76 5.37 -10.02
CA LEU A 17 -19.73 5.92 -9.16
C LEU A 17 -18.92 7.00 -9.88
N MET A 18 -18.42 6.66 -11.07
CA MET A 18 -17.68 7.59 -11.90
C MET A 18 -18.40 8.93 -12.03
N LYS A 19 -19.71 8.88 -12.31
CA LYS A 19 -20.41 10.14 -12.52
C LYS A 19 -20.81 10.77 -11.19
N ALA A 20 -21.11 9.92 -10.21
CA ALA A 20 -21.50 10.44 -8.89
C ALA A 20 -20.37 11.24 -8.28
N GLN A 21 -19.15 10.94 -8.70
CA GLN A 21 -17.97 11.59 -8.11
C GLN A 21 -17.11 12.30 -9.15
N SER A 22 -17.59 12.40 -10.38
CA SER A 22 -16.85 13.05 -11.45
C SER A 22 -15.53 12.34 -11.73
N VAL A 23 -15.56 11.04 -11.95
CA VAL A 23 -14.35 10.28 -12.24
C VAL A 23 -14.13 10.20 -13.74
N PRO A 24 -12.93 10.59 -14.16
CA PRO A 24 -12.57 10.73 -15.57
C PRO A 24 -12.32 9.37 -16.26
N GLY A 25 -11.42 8.60 -15.66
CA GLY A 25 -11.06 7.29 -16.17
C GLY A 25 -10.81 6.30 -15.04
N MET A 26 -11.37 5.10 -15.18
CA MET A 26 -11.14 4.07 -14.18
C MET A 26 -10.73 2.75 -14.85
N ALA A 27 -9.97 1.96 -14.10
CA ALA A 27 -9.55 0.63 -14.53
C ALA A 27 -9.72 -0.34 -13.36
N VAL A 28 -10.40 -1.44 -13.62
CA VAL A 28 -10.73 -2.38 -12.56
C VAL A 28 -10.16 -3.76 -12.84
N ALA A 29 -9.72 -4.45 -11.80
CA ALA A 29 -9.22 -5.81 -11.92
C ALA A 29 -9.89 -6.72 -10.88
N VAL A 30 -10.56 -7.76 -11.35
CA VAL A 30 -11.14 -8.73 -10.44
C VAL A 30 -10.50 -10.09 -10.64
N ILE A 31 -10.18 -10.71 -9.51
CA ILE A 31 -9.59 -12.04 -9.51
C ILE A 31 -10.60 -13.06 -8.97
N TYR A 32 -11.44 -13.55 -9.88
CA TYR A 32 -12.43 -14.56 -9.56
C TYR A 32 -12.06 -15.90 -10.20
N GLN A 33 -11.76 -16.87 -9.35
CA GLN A 33 -11.34 -18.22 -9.71
C GLN A 33 -9.89 -18.24 -10.20
N GLY A 34 -9.05 -17.44 -9.55
CA GLY A 34 -7.65 -17.33 -9.92
C GLY A 34 -7.46 -16.87 -11.35
N LYS A 35 -8.36 -16.05 -11.86
CA LYS A 35 -8.20 -15.54 -13.21
C LYS A 35 -8.65 -14.09 -13.31
N PRO A 36 -7.72 -13.22 -13.67
CA PRO A 36 -7.91 -11.77 -13.61
C PRO A 36 -8.79 -11.24 -14.74
N HIS A 37 -9.86 -10.54 -14.36
CA HIS A 37 -10.75 -9.95 -15.37
C HIS A 37 -10.62 -8.43 -15.38
N TYR A 38 -10.01 -7.89 -16.41
CA TYR A 38 -9.81 -6.45 -16.53
C TYR A 38 -11.01 -5.78 -17.21
N TYR A 39 -11.36 -4.60 -16.73
CA TYR A 39 -12.38 -3.72 -17.26
C TYR A 39 -11.89 -2.27 -17.17
N THR A 40 -11.90 -1.57 -18.29
CA THR A 40 -11.42 -0.21 -18.46
C THR A 40 -12.56 0.75 -18.79
N PHE A 41 -12.51 1.97 -18.28
CA PHE A 41 -13.58 2.95 -18.47
C PHE A 41 -13.01 4.36 -18.50
N GLY A 42 -13.73 5.32 -19.09
CA GLY A 42 -13.31 6.70 -19.10
C GLY A 42 -11.99 6.98 -19.80
N LYS A 43 -11.37 8.12 -19.48
CA LYS A 43 -10.14 8.52 -20.15
C LYS A 43 -8.95 8.73 -19.22
N ALA A 44 -7.80 8.26 -19.69
CA ALA A 44 -6.49 8.46 -19.10
C ALA A 44 -6.08 9.92 -19.23
N ASP A 45 -6.31 10.46 -20.42
CA ASP A 45 -6.09 11.87 -20.67
C ASP A 45 -7.16 12.42 -21.61
N ILE A 46 -8.07 13.23 -21.06
CA ILE A 46 -9.16 13.79 -21.83
C ILE A 46 -8.66 14.97 -22.67
N ALA A 47 -7.61 15.61 -22.14
CA ALA A 47 -6.97 16.73 -22.81
C ALA A 47 -6.45 16.33 -24.18
N ALA A 48 -6.15 15.05 -24.32
CA ALA A 48 -5.59 14.48 -25.54
C ALA A 48 -6.45 13.34 -26.07
N ASN A 49 -7.62 13.18 -25.45
CA ASN A 49 -8.59 12.16 -25.80
C ASN A 49 -7.99 10.76 -25.75
N LYS A 50 -7.22 10.50 -24.71
CA LYS A 50 -6.67 9.18 -24.43
C LYS A 50 -7.58 8.46 -23.44
N PRO A 51 -7.97 7.24 -23.78
CA PRO A 51 -8.79 6.44 -22.87
C PRO A 51 -7.90 5.67 -21.91
N VAL A 52 -8.56 4.96 -20.99
CA VAL A 52 -7.84 4.13 -20.02
C VAL A 52 -7.49 2.80 -20.67
N THR A 53 -6.47 2.11 -20.17
CA THR A 53 -6.05 0.84 -20.75
C THR A 53 -5.24 0.02 -19.76
N PRO A 54 -5.27 -1.30 -19.88
CA PRO A 54 -4.54 -2.17 -18.96
C PRO A 54 -3.07 -1.79 -18.84
N GLN A 55 -2.49 -1.18 -19.87
CA GLN A 55 -1.07 -0.80 -19.80
C GLN A 55 -0.90 0.58 -19.18
N THR A 56 -2.00 1.30 -19.06
CA THR A 56 -2.08 2.65 -18.52
C THR A 56 -1.60 2.72 -17.08
N LEU A 57 -0.70 3.66 -16.83
CA LEU A 57 -0.12 3.84 -15.51
C LEU A 57 -0.85 4.91 -14.68
N PHE A 58 -1.29 4.45 -13.51
CA PHE A 58 -1.89 5.19 -12.43
C PHE A 58 -0.93 5.36 -11.26
N GLU A 59 -1.15 6.39 -10.46
CA GLU A 59 -0.36 6.58 -9.24
C GLU A 59 -0.92 5.72 -8.11
N LEU A 60 -0.04 5.02 -7.38
CA LEU A 60 -0.48 4.06 -6.38
C LEU A 60 -0.67 4.69 -5.01
N GLY A 61 0.01 5.80 -4.72
CA GLY A 61 -0.15 6.44 -3.42
C GLY A 61 0.48 5.62 -2.30
N SER A 62 -0.18 5.55 -1.14
CA SER A 62 0.39 4.78 -0.05
C SER A 62 0.12 3.29 -0.23
N ILE A 63 -0.40 2.91 -1.41
CA ILE A 63 -0.51 1.47 -1.65
C ILE A 63 0.89 0.92 -1.94
N SER A 64 1.81 1.84 -2.23
CA SER A 64 3.23 1.55 -2.35
C SER A 64 3.78 1.02 -1.05
N LYS A 65 3.11 1.39 0.03
CA LYS A 65 3.43 0.95 1.37
C LYS A 65 3.41 -0.58 1.48
N THR A 66 2.68 -1.24 0.59
CA THR A 66 2.65 -2.70 0.56
C THR A 66 3.94 -3.28 0.03
N PHE A 67 4.55 -2.57 -0.93
CA PHE A 67 5.80 -3.07 -1.52
C PHE A 67 6.93 -2.99 -0.50
N THR A 68 6.88 -1.90 0.26
CA THR A 68 7.82 -1.65 1.36
C THR A 68 7.83 -2.82 2.34
N GLY A 69 6.65 -3.16 2.85
CA GLY A 69 6.41 -4.22 3.79
C GLY A 69 6.88 -5.58 3.29
N VAL A 70 6.82 -5.79 1.97
CA VAL A 70 7.32 -7.06 1.46
C VAL A 70 8.82 -6.94 1.14
N LEU A 71 9.21 -5.75 0.68
CA LEU A 71 10.63 -5.51 0.48
C LEU A 71 11.32 -5.80 1.82
N GLY A 72 10.80 -5.16 2.85
CA GLY A 72 11.26 -5.33 4.21
C GLY A 72 11.06 -6.74 4.73
N GLY A 73 9.93 -7.38 4.42
CA GLY A 73 9.69 -8.76 4.82
C GLY A 73 10.64 -9.74 4.16
N ASP A 74 10.82 -9.65 2.84
CA ASP A 74 11.73 -10.60 2.17
C ASP A 74 13.13 -10.50 2.74
N ALA A 75 13.44 -9.29 3.20
CA ALA A 75 14.71 -8.97 3.84
C ALA A 75 14.79 -9.64 5.21
N ILE A 76 13.69 -9.61 5.96
CA ILE A 76 13.75 -10.32 7.25
C ILE A 76 14.02 -11.79 6.96
N ALA A 77 13.34 -12.28 5.92
CA ALA A 77 13.46 -13.61 5.37
C ALA A 77 14.93 -14.05 5.21
N ARG A 78 15.76 -13.19 4.64
CA ARG A 78 17.17 -13.49 4.44
C ARG A 78 17.96 -13.36 5.73
N GLY A 79 17.31 -12.88 6.79
CA GLY A 79 18.00 -12.67 8.06
C GLY A 79 18.95 -11.50 8.00
N GLU A 80 18.67 -10.53 7.12
CA GLU A 80 19.47 -9.31 7.06
C GLU A 80 19.11 -8.41 8.24
N ILE A 81 17.80 -8.27 8.40
CA ILE A 81 17.16 -7.42 9.39
C ILE A 81 16.30 -8.25 10.33
N SER A 82 16.07 -7.78 11.55
CA SER A 82 15.08 -8.44 12.38
C SER A 82 14.09 -7.41 12.92
N LEU A 83 12.86 -7.87 13.13
CA LEU A 83 11.75 -7.02 13.56
C LEU A 83 11.97 -6.37 14.91
N ASP A 84 13.03 -6.70 15.63
CA ASP A 84 13.27 -6.16 16.95
C ASP A 84 14.64 -5.54 17.13
N ASP A 85 15.47 -5.48 16.09
CA ASP A 85 16.74 -4.78 16.31
C ASP A 85 16.44 -3.32 16.61
N PRO A 86 17.22 -2.67 17.47
CA PRO A 86 17.00 -1.23 17.66
C PRO A 86 17.31 -0.50 16.36
N VAL A 87 16.51 0.50 16.02
CA VAL A 87 16.72 1.30 14.82
C VAL A 87 18.18 1.75 14.71
N THR A 88 18.71 2.16 15.85
CA THR A 88 20.06 2.60 16.14
C THR A 88 21.14 1.74 15.48
N ARG A 89 20.84 0.49 15.22
CA ARG A 89 21.76 -0.50 14.69
C ARG A 89 22.04 -0.27 13.20
N TYR A 90 21.04 0.20 12.46
CA TYR A 90 21.18 0.40 11.03
C TYR A 90 21.34 1.88 10.68
N TRP A 91 21.47 2.70 11.71
CA TRP A 91 21.67 4.13 11.57
C TRP A 91 22.01 4.75 12.93
N PRO A 92 23.26 4.58 13.34
CA PRO A 92 23.70 4.96 14.69
C PRO A 92 23.79 6.47 14.89
N GLN A 93 23.46 7.24 13.86
CA GLN A 93 23.55 8.70 13.98
C GLN A 93 22.46 9.22 14.91
N LEU A 94 21.25 8.72 14.73
CA LEU A 94 20.16 8.97 15.67
C LEU A 94 20.66 8.73 17.08
N THR A 95 21.18 9.75 17.75
CA THR A 95 21.75 9.53 19.09
C THR A 95 20.82 10.04 20.18
N GLY A 96 19.69 10.62 19.77
CA GLY A 96 18.70 11.08 20.72
C GLY A 96 18.27 9.98 21.67
N LYS A 97 18.38 10.25 22.97
CA LYS A 97 17.99 9.36 24.04
C LYS A 97 16.56 8.85 23.86
N GLN A 98 15.72 9.65 23.22
CA GLN A 98 14.36 9.31 22.87
C GLN A 98 14.28 8.13 21.91
N TRP A 99 15.36 7.88 21.17
CA TRP A 99 15.31 6.82 20.18
C TRP A 99 15.55 5.43 20.74
N GLN A 100 16.27 5.32 21.84
CA GLN A 100 16.59 4.15 22.62
C GLN A 100 15.71 2.92 22.35
N GLY A 101 14.52 2.92 22.95
CA GLY A 101 13.58 1.82 22.88
C GLY A 101 12.72 1.75 21.65
N ILE A 102 13.10 2.44 20.59
CA ILE A 102 12.33 2.29 19.35
C ILE A 102 12.92 1.15 18.51
N ARG A 103 12.08 0.22 18.06
CA ARG A 103 12.53 -0.90 17.24
C ARG A 103 12.20 -0.68 15.78
N MET A 104 12.64 -1.64 14.96
CA MET A 104 12.31 -1.61 13.53
C MET A 104 10.82 -1.91 13.33
N LEU A 105 10.27 -2.81 14.16
CA LEU A 105 8.83 -3.10 14.07
C LEU A 105 8.03 -1.83 14.31
N ASP A 106 8.46 -1.01 15.26
CA ASP A 106 7.74 0.23 15.55
C ASP A 106 7.57 1.06 14.28
N LEU A 107 8.70 1.38 13.68
CA LEU A 107 8.73 2.12 12.42
C LEU A 107 7.91 1.40 11.36
N ALA A 108 8.03 0.08 11.35
CA ALA A 108 7.25 -0.67 10.37
C ALA A 108 5.76 -0.51 10.61
N THR A 109 5.36 -0.27 11.87
CA THR A 109 3.94 -0.26 12.19
C THR A 109 3.43 0.97 12.94
N TYR A 110 3.92 2.16 12.65
CA TYR A 110 3.34 3.40 13.17
C TYR A 110 3.18 3.39 14.68
N THR A 111 4.05 2.65 15.35
CA THR A 111 4.00 2.33 16.76
C THR A 111 4.99 3.09 17.62
N ALA A 112 5.98 3.72 17.00
CA ALA A 112 7.10 4.39 17.64
C ALA A 112 6.74 5.52 18.59
N GLY A 113 5.63 6.24 18.39
CA GLY A 113 5.34 7.29 19.36
C GLY A 113 4.88 8.60 18.77
N GLY A 114 4.19 8.59 17.62
CA GLY A 114 3.62 9.81 17.10
C GLY A 114 4.43 10.47 16.00
N LEU A 115 5.26 9.69 15.29
CA LEU A 115 5.98 10.18 14.14
C LEU A 115 4.99 10.75 13.12
N PRO A 116 5.29 11.94 12.60
CA PRO A 116 4.36 12.68 11.75
C PRO A 116 3.86 11.92 10.52
N LEU A 117 2.68 12.36 10.09
CA LEU A 117 2.04 11.84 8.89
C LEU A 117 2.90 12.13 7.67
N GLN A 118 3.12 13.42 7.45
CA GLN A 118 3.90 13.88 6.31
C GLN A 118 5.32 14.23 6.73
N VAL A 119 6.31 13.91 5.91
CA VAL A 119 7.64 14.46 6.18
C VAL A 119 7.59 15.95 5.83
N PRO A 120 8.10 16.78 6.73
CA PRO A 120 8.08 18.23 6.51
C PRO A 120 8.57 18.62 5.11
N ASP A 121 7.82 19.54 4.47
CA ASP A 121 8.20 20.03 3.15
C ASP A 121 9.53 20.78 3.25
N GLU A 122 9.82 21.26 4.44
CA GLU A 122 11.02 21.91 4.91
C GLU A 122 12.22 20.97 4.80
N VAL A 123 11.95 19.67 4.84
CA VAL A 123 12.99 18.66 4.77
C VAL A 123 13.34 18.31 3.32
N THR A 124 14.59 18.59 2.96
CA THR A 124 15.07 18.45 1.59
C THR A 124 16.38 17.68 1.46
N ASP A 125 17.06 17.34 2.56
CA ASP A 125 18.29 16.54 2.37
C ASP A 125 18.58 15.67 3.58
N ASN A 126 19.58 14.78 3.43
CA ASN A 126 19.90 13.83 4.49
C ASN A 126 20.21 14.54 5.80
N ALA A 127 20.89 15.68 5.78
CA ALA A 127 21.23 16.31 7.05
C ALA A 127 20.00 16.92 7.70
N SER A 128 19.17 17.61 6.90
CA SER A 128 17.97 18.19 7.50
C SER A 128 17.05 17.03 7.92
N LEU A 129 17.21 15.92 7.22
CA LEU A 129 16.45 14.71 7.52
C LEU A 129 16.85 14.15 8.88
N VAL A 130 18.16 14.05 9.12
CA VAL A 130 18.56 13.50 10.42
C VAL A 130 18.24 14.49 11.53
N ARG A 131 18.30 15.79 11.23
CA ARG A 131 17.95 16.81 12.20
C ARG A 131 16.56 16.59 12.78
N PHE A 132 15.61 16.51 11.86
CA PHE A 132 14.18 16.36 12.12
C PHE A 132 13.88 15.20 13.07
N TYR A 133 14.43 14.03 12.76
CA TYR A 133 14.24 12.83 13.56
C TYR A 133 14.90 12.97 14.92
N GLN A 134 16.06 13.61 14.94
CA GLN A 134 16.86 13.80 16.15
C GLN A 134 16.22 14.84 17.07
N ASN A 135 15.43 15.74 16.50
CA ASN A 135 14.74 16.74 17.32
C ASN A 135 13.39 16.23 17.79
N TRP A 136 12.75 15.42 16.95
CA TRP A 136 11.43 14.86 17.15
C TRP A 136 11.15 14.44 18.59
N GLN A 137 9.94 14.70 19.07
CA GLN A 137 9.52 14.29 20.40
C GLN A 137 8.19 13.54 20.40
N PRO A 138 8.21 12.27 20.78
CA PRO A 138 6.97 11.49 20.86
C PRO A 138 6.05 12.03 21.95
N GLN A 139 4.74 11.92 21.71
CA GLN A 139 3.82 12.25 22.80
C GLN A 139 3.63 10.98 23.63
N TRP A 140 3.48 9.84 22.93
CA TRP A 140 3.30 8.59 23.67
C TRP A 140 4.55 7.74 23.63
N LYS A 141 4.54 6.73 24.49
CA LYS A 141 5.63 5.76 24.59
C LYS A 141 5.48 4.69 23.51
N PRO A 142 6.63 4.16 23.11
CA PRO A 142 6.63 3.13 22.06
C PRO A 142 5.69 1.97 22.42
N GLY A 143 5.22 1.27 21.40
CA GLY A 143 4.38 0.11 21.55
C GLY A 143 3.11 0.36 22.35
N THR A 144 2.57 1.57 22.26
CA THR A 144 1.34 1.88 22.98
C THR A 144 0.30 2.49 22.04
N THR A 145 0.72 3.35 21.12
CA THR A 145 -0.20 4.05 20.25
C THR A 145 0.13 3.98 18.76
N ARG A 146 -0.89 3.70 17.94
CA ARG A 146 -0.73 3.63 16.50
C ARG A 146 -1.29 4.87 15.80
N LEU A 147 -0.39 5.57 15.10
CA LEU A 147 -0.73 6.72 14.28
C LEU A 147 -0.10 6.60 12.89
N TYR A 148 -0.92 6.43 11.88
CA TYR A 148 -0.50 6.26 10.48
C TYR A 148 0.42 7.36 10.00
N ALA A 149 1.65 7.03 9.62
CA ALA A 149 2.62 8.06 9.25
C ALA A 149 3.57 7.63 8.15
N ASN A 150 3.88 8.53 7.24
CA ASN A 150 4.92 8.36 6.24
C ASN A 150 6.29 8.34 6.92
N ALA A 151 6.50 9.28 7.84
CA ALA A 151 7.75 9.44 8.55
C ALA A 151 8.12 8.20 9.33
N SER A 152 7.15 7.33 9.60
CA SER A 152 7.45 6.11 10.34
C SER A 152 7.91 4.98 9.43
N ILE A 153 7.08 4.59 8.46
CA ILE A 153 7.37 3.47 7.58
C ILE A 153 8.31 3.82 6.45
N GLY A 154 8.46 5.11 6.12
CA GLY A 154 9.44 5.47 5.11
C GLY A 154 10.84 5.15 5.59
N LEU A 155 11.22 5.66 6.76
CA LEU A 155 12.55 5.41 7.28
C LEU A 155 12.79 3.93 7.50
N PHE A 156 11.74 3.20 7.84
CA PHE A 156 11.90 1.75 7.99
C PHE A 156 12.44 1.15 6.69
N GLY A 157 11.72 1.41 5.60
CA GLY A 157 12.10 0.93 4.29
C GLY A 157 13.47 1.45 3.86
N ALA A 158 13.76 2.71 4.18
CA ALA A 158 15.05 3.31 3.87
C ALA A 158 16.20 2.55 4.51
N LEU A 159 16.04 2.19 5.79
CA LEU A 159 17.09 1.48 6.50
C LEU A 159 17.05 -0.02 6.20
N ALA A 160 15.86 -0.52 5.91
CA ALA A 160 15.58 -1.93 5.71
C ALA A 160 16.35 -2.54 4.56
N VAL A 161 16.95 -1.70 3.72
CA VAL A 161 17.69 -2.19 2.55
C VAL A 161 19.19 -2.01 2.74
N LYS A 162 19.55 -1.31 3.80
CA LYS A 162 20.93 -0.93 4.08
C LYS A 162 21.90 -2.10 3.99
N PRO A 163 21.72 -3.20 4.70
CA PRO A 163 22.71 -4.28 4.67
C PRO A 163 22.79 -4.97 3.32
N SER A 164 21.86 -4.66 2.43
CA SER A 164 21.88 -5.17 1.06
C SER A 164 23.05 -4.54 0.29
N GLY A 165 23.14 -3.22 0.35
CA GLY A 165 24.18 -2.47 -0.30
C GLY A 165 23.67 -1.77 -1.55
N MET A 166 22.40 -1.98 -1.87
CA MET A 166 21.81 -1.36 -3.05
C MET A 166 20.63 -0.46 -2.69
N PRO A 167 20.68 0.77 -3.18
CA PRO A 167 19.63 1.77 -2.96
C PRO A 167 18.23 1.24 -3.29
N TYR A 168 17.25 1.73 -2.55
CA TYR A 168 15.86 1.33 -2.56
C TYR A 168 15.37 0.94 -3.95
N GLU A 169 15.45 1.85 -4.91
CA GLU A 169 14.99 1.56 -6.26
C GLU A 169 15.60 0.26 -6.79
N GLN A 170 16.85 0.00 -6.39
CA GLN A 170 17.57 -1.17 -6.83
C GLN A 170 16.98 -2.45 -6.23
N ALA A 171 17.10 -2.56 -4.92
CA ALA A 171 16.60 -3.73 -4.19
C ALA A 171 15.16 -4.03 -4.58
N MET A 172 14.33 -3.00 -4.48
CA MET A 172 12.91 -3.11 -4.78
C MET A 172 12.69 -3.77 -6.13
N THR A 173 13.59 -3.49 -7.08
CA THR A 173 13.40 -4.08 -8.40
C THR A 173 13.97 -5.48 -8.46
N THR A 174 15.19 -5.59 -7.94
CA THR A 174 15.95 -6.83 -8.01
C THR A 174 15.34 -7.94 -7.17
N ARG A 175 14.75 -7.57 -6.03
CA ARG A 175 14.27 -8.59 -5.10
C ARG A 175 12.77 -8.82 -5.14
N VAL A 176 12.02 -7.95 -5.84
CA VAL A 176 10.58 -8.16 -5.74
C VAL A 176 9.88 -8.18 -7.10
N LEU A 177 10.08 -7.11 -7.86
CA LEU A 177 9.34 -6.85 -9.10
C LEU A 177 9.74 -7.84 -10.19
N LYS A 178 11.05 -8.01 -10.42
CA LYS A 178 11.54 -8.94 -11.41
C LYS A 178 11.10 -10.38 -11.11
N PRO A 179 11.37 -10.90 -9.92
CA PRO A 179 11.00 -12.29 -9.64
C PRO A 179 9.51 -12.52 -9.88
N LEU A 180 8.71 -11.53 -9.47
CA LEU A 180 7.27 -11.66 -9.63
C LEU A 180 6.84 -11.25 -11.03
N LYS A 181 7.80 -10.96 -11.90
CA LYS A 181 7.52 -10.55 -13.26
C LYS A 181 6.60 -9.33 -13.30
N LEU A 182 6.92 -8.29 -12.54
CA LEU A 182 6.14 -7.05 -12.59
C LEU A 182 6.95 -6.02 -13.38
N ASP A 183 7.02 -6.27 -14.67
CA ASP A 183 7.83 -5.60 -15.67
C ASP A 183 7.27 -4.27 -16.15
N HIS A 184 6.24 -3.76 -15.50
CA HIS A 184 5.72 -2.45 -15.88
C HIS A 184 5.36 -1.65 -14.64
N THR A 185 6.02 -1.98 -13.53
CA THR A 185 5.81 -1.24 -12.28
C THR A 185 6.96 -0.27 -12.07
N TRP A 186 6.68 0.98 -11.69
CA TRP A 186 7.70 2.01 -11.76
C TRP A 186 7.79 2.94 -10.55
N ILE A 187 9.02 3.17 -10.09
CA ILE A 187 9.31 4.25 -9.15
C ILE A 187 9.60 5.51 -9.97
N ASN A 188 10.28 5.26 -11.09
CA ASN A 188 10.65 6.24 -12.09
C ASN A 188 10.23 5.78 -13.48
N VAL A 189 9.10 6.26 -13.99
CA VAL A 189 8.72 5.85 -15.34
C VAL A 189 9.77 6.25 -16.37
N PRO A 190 10.14 5.27 -17.19
CA PRO A 190 11.07 5.51 -18.30
C PRO A 190 10.45 6.44 -19.34
N LYS A 191 11.29 7.15 -20.09
CA LYS A 191 10.73 8.03 -21.12
C LYS A 191 9.89 7.21 -22.10
N ALA A 192 10.39 6.02 -22.41
CA ALA A 192 9.75 5.14 -23.38
C ALA A 192 8.39 4.66 -22.89
N GLU A 193 8.18 4.74 -21.59
CA GLU A 193 6.98 4.26 -20.94
C GLU A 193 6.00 5.38 -20.64
N GLU A 194 6.53 6.59 -20.52
CA GLU A 194 5.76 7.76 -20.12
C GLU A 194 4.46 7.89 -20.91
N ALA A 195 4.44 7.43 -22.16
CA ALA A 195 3.24 7.47 -22.97
C ALA A 195 2.05 6.83 -22.25
N HIS A 196 2.35 5.83 -21.42
CA HIS A 196 1.35 5.12 -20.63
C HIS A 196 0.99 5.84 -19.34
N TYR A 197 1.67 6.96 -19.06
CA TYR A 197 1.39 7.66 -17.82
C TYR A 197 0.24 8.66 -18.03
N ALA A 198 -0.78 8.48 -17.21
CA ALA A 198 -1.95 9.34 -17.21
C ALA A 198 -1.75 10.57 -16.33
N TRP A 199 -2.80 11.37 -16.27
CA TRP A 199 -2.86 12.58 -15.47
C TRP A 199 -3.88 12.43 -14.34
N GLY A 200 -3.52 12.89 -13.16
CA GLY A 200 -4.46 12.94 -12.03
C GLY A 200 -5.24 14.24 -12.11
N TYR A 201 -6.46 14.28 -11.61
CA TYR A 201 -7.26 15.51 -11.74
C TYR A 201 -7.79 16.00 -10.40
N ARG A 202 -7.35 17.17 -9.98
CA ARG A 202 -7.65 17.80 -8.70
C ARG A 202 -8.74 18.86 -8.85
N ASP A 203 -8.50 20.10 -8.45
CA ASP A 203 -9.51 21.15 -8.54
C ASP A 203 -9.80 21.52 -9.99
N GLY A 204 -10.29 20.56 -10.76
CA GLY A 204 -10.50 20.69 -12.20
C GLY A 204 -9.19 20.49 -12.95
N LYS A 205 -8.10 21.00 -12.41
CA LYS A 205 -6.76 21.02 -12.96
C LYS A 205 -6.07 19.67 -12.92
N ALA A 206 -5.05 19.47 -13.76
CA ALA A 206 -4.36 18.21 -13.91
C ALA A 206 -2.97 18.18 -13.28
N VAL A 207 -2.75 17.26 -12.36
CA VAL A 207 -1.48 17.15 -11.65
C VAL A 207 -0.95 15.72 -11.62
N ARG A 208 0.27 15.60 -11.12
CA ARG A 208 0.94 14.32 -10.92
C ARG A 208 1.81 14.37 -9.66
N VAL A 209 2.28 13.22 -9.20
CA VAL A 209 3.14 13.11 -8.02
C VAL A 209 4.47 13.85 -8.21
N SER A 210 4.90 14.49 -7.13
CA SER A 210 6.11 15.30 -7.09
C SER A 210 7.06 14.81 -6.01
N PRO A 211 8.36 14.93 -6.27
CA PRO A 211 9.41 14.38 -5.41
C PRO A 211 9.40 14.96 -3.99
N GLY A 212 9.91 14.14 -3.08
CA GLY A 212 10.06 14.46 -1.67
C GLY A 212 10.62 13.30 -0.89
N MET A 213 11.40 13.55 0.15
CA MET A 213 12.10 12.56 0.94
C MET A 213 11.25 11.32 1.26
N LEU A 214 11.87 10.15 1.13
CA LEU A 214 11.20 8.91 1.49
C LEU A 214 9.90 8.74 0.70
N ASP A 215 9.83 9.28 -0.51
CA ASP A 215 8.58 9.20 -1.26
C ASP A 215 8.34 7.78 -1.77
N ALA A 216 9.34 7.24 -2.46
CA ALA A 216 9.35 5.89 -2.99
C ALA A 216 8.82 4.89 -1.95
N GLN A 217 9.32 5.02 -0.74
CA GLN A 217 8.95 4.16 0.38
C GLN A 217 7.53 4.46 0.85
N ALA A 218 6.95 5.60 0.51
CA ALA A 218 5.64 5.92 1.05
C ALA A 218 4.55 6.04 -0.01
N TYR A 219 4.88 6.60 -1.17
CA TYR A 219 3.90 6.75 -2.24
C TYR A 219 4.56 6.81 -3.62
N GLY A 220 5.75 6.27 -3.74
CA GLY A 220 6.46 6.22 -4.99
C GLY A 220 5.79 5.45 -6.11
N VAL A 221 5.74 4.13 -6.01
CA VAL A 221 5.37 3.19 -7.03
C VAL A 221 4.23 3.64 -7.95
N LYS A 222 4.45 3.41 -9.24
CA LYS A 222 3.47 3.66 -10.29
C LYS A 222 3.34 2.43 -11.17
N THR A 223 2.12 1.97 -11.46
CA THR A 223 1.95 0.76 -12.27
C THR A 223 0.61 0.74 -12.98
N ASN A 224 0.43 -0.27 -13.85
CA ASN A 224 -0.83 -0.43 -14.57
C ASN A 224 -1.68 -1.52 -13.93
N VAL A 225 -2.93 -1.61 -14.37
CA VAL A 225 -3.89 -2.52 -13.76
C VAL A 225 -3.47 -3.99 -13.87
N GLN A 226 -2.93 -4.41 -15.01
CA GLN A 226 -2.45 -5.77 -15.18
C GLN A 226 -1.49 -6.18 -14.07
N ASP A 227 -0.42 -5.39 -13.94
CA ASP A 227 0.55 -5.72 -12.89
C ASP A 227 -0.11 -5.73 -11.52
N MET A 228 -1.04 -4.80 -11.27
CA MET A 228 -1.69 -4.80 -9.96
C MET A 228 -2.40 -6.13 -9.72
N ALA A 229 -2.98 -6.70 -10.78
CA ALA A 229 -3.65 -7.99 -10.66
C ALA A 229 -2.63 -9.08 -10.30
N ASN A 230 -1.48 -9.09 -10.97
CA ASN A 230 -0.47 -10.09 -10.60
C ASN A 230 0.05 -9.86 -9.18
N TRP A 231 0.27 -8.61 -8.80
CA TRP A 231 0.71 -8.27 -7.45
C TRP A 231 -0.22 -8.92 -6.44
N VAL A 232 -1.51 -8.66 -6.64
CA VAL A 232 -2.51 -9.23 -5.75
C VAL A 232 -2.42 -10.74 -5.72
N MET A 233 -2.33 -11.38 -6.89
CA MET A 233 -2.36 -12.84 -6.89
C MET A 233 -1.21 -13.43 -6.08
N ALA A 234 -0.04 -12.81 -6.15
CA ALA A 234 1.12 -13.33 -5.44
C ALA A 234 0.97 -13.25 -3.93
N ASN A 235 0.15 -12.29 -3.49
CA ASN A 235 -0.04 -12.00 -2.08
C ASN A 235 -1.14 -12.88 -1.46
N MET A 236 -2.12 -13.26 -2.27
CA MET A 236 -3.29 -14.04 -1.88
C MET A 236 -3.02 -15.54 -1.87
N ALA A 237 -2.26 -16.01 -2.86
CA ALA A 237 -1.85 -17.40 -2.96
C ALA A 237 -0.34 -17.43 -3.17
N PRO A 238 0.36 -17.15 -2.08
CA PRO A 238 1.80 -16.98 -2.05
C PRO A 238 2.59 -18.27 -2.21
N GLU A 239 1.97 -19.41 -1.95
CA GLU A 239 2.59 -20.72 -2.11
C GLU A 239 3.31 -20.86 -3.45
N ASN A 240 2.72 -20.25 -4.46
CA ASN A 240 3.15 -20.25 -5.84
C ASN A 240 4.31 -19.31 -6.11
N VAL A 241 4.88 -18.69 -5.07
CA VAL A 241 6.05 -17.83 -5.30
C VAL A 241 7.30 -18.69 -5.44
N ALA A 242 7.97 -18.63 -6.59
CA ALA A 242 9.13 -19.48 -6.78
C ALA A 242 10.20 -19.25 -5.71
N ASP A 243 10.63 -18.01 -5.53
CA ASP A 243 11.71 -17.68 -4.59
C ASP A 243 11.28 -17.80 -3.14
N ALA A 244 12.19 -18.35 -2.34
CA ALA A 244 12.02 -18.67 -0.94
C ALA A 244 11.84 -17.42 -0.06
N SER A 245 12.79 -16.51 -0.14
CA SER A 245 12.73 -15.33 0.71
C SER A 245 11.45 -14.54 0.44
N LEU A 246 11.14 -14.30 -0.84
CA LEU A 246 9.95 -13.54 -1.17
C LEU A 246 8.71 -14.17 -0.55
N LYS A 247 8.51 -15.45 -0.83
CA LYS A 247 7.40 -16.22 -0.30
C LYS A 247 7.18 -15.97 1.19
N GLN A 248 8.24 -16.06 1.96
CA GLN A 248 8.25 -15.76 3.39
C GLN A 248 7.99 -14.27 3.63
N GLY A 249 8.67 -13.43 2.86
CA GLY A 249 8.44 -12.00 2.88
C GLY A 249 6.95 -11.71 2.77
N ILE A 250 6.28 -12.38 1.84
CA ILE A 250 4.82 -12.23 1.72
C ILE A 250 4.14 -12.74 2.99
N ALA A 251 4.66 -13.84 3.52
CA ALA A 251 4.15 -14.38 4.78
C ALA A 251 4.15 -13.32 5.87
N LEU A 252 5.35 -12.90 6.24
CA LEU A 252 5.63 -11.93 7.29
C LEU A 252 4.81 -10.66 7.16
N ALA A 253 4.65 -10.14 5.94
CA ALA A 253 3.92 -8.89 5.78
C ALA A 253 2.44 -9.04 6.16
N GLN A 254 1.89 -10.23 5.95
CA GLN A 254 0.48 -10.49 6.28
C GLN A 254 0.34 -11.11 7.66
N SER A 255 1.44 -11.34 8.37
CA SER A 255 1.34 -11.76 9.77
C SER A 255 0.68 -10.66 10.59
N ARG A 256 0.32 -10.89 11.85
CA ARG A 256 -0.33 -9.79 12.59
C ARG A 256 0.42 -9.43 13.86
N TYR A 257 0.93 -8.20 13.91
CA TYR A 257 1.77 -7.82 15.04
C TYR A 257 0.99 -7.04 16.10
N TRP A 258 0.04 -6.19 15.70
CA TRP A 258 -0.77 -5.48 16.69
C TRP A 258 -2.25 -5.59 16.38
N ARG A 259 -3.08 -5.39 17.40
CA ARG A 259 -4.52 -5.35 17.19
C ARG A 259 -5.06 -3.95 17.51
N ILE A 260 -5.82 -3.39 16.57
CA ILE A 260 -6.43 -2.08 16.82
C ILE A 260 -7.95 -2.25 16.80
N GLY A 261 -8.41 -2.92 17.86
CA GLY A 261 -9.81 -3.27 18.00
C GLY A 261 -10.24 -4.23 16.90
N SER A 262 -10.97 -3.69 15.95
CA SER A 262 -11.60 -4.44 14.87
C SER A 262 -10.63 -4.90 13.80
N MET A 263 -9.51 -4.20 13.64
CA MET A 263 -8.52 -4.54 12.63
C MET A 263 -7.21 -5.03 13.23
N TYR A 264 -6.33 -5.45 12.34
CA TYR A 264 -5.02 -5.99 12.67
C TYR A 264 -3.95 -5.42 11.76
N GLN A 265 -2.83 -4.98 12.34
CA GLN A 265 -1.75 -4.39 11.56
C GLN A 265 -0.72 -5.41 11.09
N GLY A 266 -0.40 -5.33 9.80
CA GLY A 266 0.65 -6.11 9.17
C GLY A 266 1.68 -5.21 8.52
N LEU A 267 2.61 -5.78 7.76
CA LEU A 267 3.60 -4.96 7.05
C LEU A 267 2.97 -4.39 5.78
N GLY A 268 2.64 -3.11 5.81
CA GLY A 268 1.95 -2.42 4.74
C GLY A 268 0.46 -2.73 4.82
N TRP A 269 0.16 -4.02 4.78
CA TRP A 269 -1.18 -4.56 4.74
C TRP A 269 -1.96 -4.37 6.03
N GLU A 270 -3.28 -4.27 5.83
CA GLU A 270 -4.24 -4.07 6.91
C GLU A 270 -5.33 -5.14 6.80
N MET A 271 -5.67 -5.78 7.92
CA MET A 271 -6.56 -6.93 7.85
C MET A 271 -7.63 -6.96 8.94
N LEU A 272 -8.84 -7.28 8.49
CA LEU A 272 -9.97 -7.58 9.33
C LEU A 272 -10.34 -9.06 9.15
N ASN A 273 -10.76 -9.72 10.21
CA ASN A 273 -11.16 -11.12 10.10
C ASN A 273 -12.35 -11.24 9.16
N TRP A 274 -12.39 -12.32 8.38
CA TRP A 274 -13.49 -12.58 7.46
C TRP A 274 -14.38 -13.69 8.00
N PRO A 275 -15.69 -13.54 8.05
CA PRO A 275 -16.42 -12.38 7.53
C PRO A 275 -16.45 -11.18 8.47
N VAL A 276 -16.66 -10.04 7.83
CA VAL A 276 -16.73 -8.73 8.44
C VAL A 276 -17.81 -7.88 7.78
N GLU A 277 -18.54 -7.15 8.63
CA GLU A 277 -19.58 -6.22 8.22
C GLU A 277 -19.00 -5.08 7.38
N ALA A 278 -19.69 -4.77 6.30
CA ALA A 278 -19.28 -3.70 5.41
C ALA A 278 -19.11 -2.39 6.17
N ASN A 279 -20.12 -2.04 6.96
CA ASN A 279 -20.07 -0.80 7.74
C ASN A 279 -18.80 -0.77 8.58
N THR A 280 -18.40 -1.93 9.10
CA THR A 280 -17.16 -1.95 9.87
C THR A 280 -16.00 -1.49 9.00
N VAL A 281 -15.76 -2.20 7.90
CA VAL A 281 -14.65 -1.82 7.02
C VAL A 281 -14.78 -0.39 6.53
N VAL A 282 -15.92 -0.10 5.89
CA VAL A 282 -16.13 1.21 5.29
C VAL A 282 -15.89 2.35 6.27
N GLU A 283 -16.50 2.24 7.43
CA GLU A 283 -16.43 3.21 8.50
C GLU A 283 -14.99 3.50 8.90
N GLY A 284 -14.24 2.42 9.16
CA GLY A 284 -12.86 2.54 9.57
C GLY A 284 -11.97 3.15 8.50
N SER A 285 -12.47 3.29 7.28
CA SER A 285 -11.67 3.91 6.23
C SER A 285 -11.95 5.40 6.15
N ASP A 286 -12.90 5.91 6.96
CA ASP A 286 -13.08 7.37 6.93
C ASP A 286 -11.87 7.99 7.64
N SER A 287 -11.43 9.12 7.11
CA SER A 287 -10.23 9.81 7.56
C SER A 287 -10.35 10.29 9.01
N LYS A 288 -11.55 10.34 9.56
CA LYS A 288 -11.72 10.74 10.95
C LYS A 288 -11.38 9.57 11.89
N VAL A 289 -11.00 8.46 11.28
CA VAL A 289 -10.59 7.22 11.91
C VAL A 289 -9.18 6.81 11.49
N ALA A 290 -8.94 6.73 10.19
CA ALA A 290 -7.71 6.21 9.62
C ALA A 290 -6.46 6.96 10.08
N LEU A 291 -6.57 8.29 10.21
CA LEU A 291 -5.46 9.15 10.59
C LEU A 291 -5.44 9.41 12.10
N ALA A 292 -6.16 8.59 12.84
CA ALA A 292 -6.37 8.85 14.26
C ALA A 292 -5.39 8.07 15.13
N PRO A 293 -4.92 8.77 16.16
CA PRO A 293 -4.11 8.12 17.20
C PRO A 293 -4.97 7.14 17.99
N LEU A 294 -4.67 5.86 17.87
CA LEU A 294 -5.51 4.85 18.53
C LEU A 294 -4.68 3.86 19.34
N PRO A 295 -5.09 3.49 20.55
CA PRO A 295 -4.24 2.61 21.37
C PRO A 295 -4.04 1.27 20.67
N VAL A 296 -3.11 0.46 21.15
CA VAL A 296 -2.93 -0.80 20.41
C VAL A 296 -2.64 -1.96 21.34
N VAL A 297 -3.18 -3.12 21.00
CA VAL A 297 -2.96 -4.33 21.78
C VAL A 297 -2.11 -5.29 20.97
N GLU A 298 -0.98 -5.71 21.55
CA GLU A 298 -0.03 -6.51 20.79
C GLU A 298 -0.31 -8.00 20.81
N VAL A 299 0.00 -8.63 19.69
CA VAL A 299 0.06 -10.08 19.58
C VAL A 299 1.53 -10.52 19.62
N ASN A 300 1.87 -11.18 20.71
CA ASN A 300 3.19 -11.75 20.89
C ASN A 300 3.04 -13.22 21.30
N PRO A 301 3.50 -14.10 20.41
CA PRO A 301 4.13 -13.67 19.15
C PRO A 301 3.13 -13.44 18.02
N PRO A 302 3.60 -12.67 17.06
CA PRO A 302 2.88 -12.27 15.85
C PRO A 302 2.20 -13.45 15.16
N ALA A 303 0.87 -13.46 15.22
CA ALA A 303 0.15 -14.53 14.56
C ALA A 303 0.51 -14.56 13.07
N PRO A 304 0.79 -15.75 12.58
CA PRO A 304 1.01 -15.96 11.15
C PRO A 304 -0.30 -15.77 10.37
N PRO A 305 -0.12 -15.48 9.09
CA PRO A 305 -1.21 -15.21 8.16
C PRO A 305 -2.44 -16.10 8.33
N VAL A 306 -3.58 -15.49 8.59
CA VAL A 306 -4.85 -16.21 8.64
C VAL A 306 -5.58 -16.07 7.30
N LYS A 307 -6.00 -17.20 6.75
CA LYS A 307 -6.64 -17.30 5.45
C LYS A 307 -7.89 -16.42 5.35
N ALA A 308 -8.68 -16.47 6.43
CA ALA A 308 -9.98 -15.86 6.53
C ALA A 308 -9.92 -14.42 7.05
N SER A 309 -9.22 -13.58 6.30
CA SER A 309 -9.13 -12.16 6.57
C SER A 309 -9.59 -11.35 5.35
N TRP A 310 -9.89 -10.09 5.61
CA TRP A 310 -10.02 -9.05 4.60
C TRP A 310 -8.68 -8.30 4.63
N VAL A 311 -7.78 -8.61 3.71
CA VAL A 311 -6.55 -7.79 3.76
C VAL A 311 -6.70 -6.70 2.70
N HIS A 312 -6.29 -5.48 3.03
CA HIS A 312 -6.46 -4.41 2.04
C HIS A 312 -5.61 -3.19 2.38
N LYS A 313 -5.77 -2.17 1.56
CA LYS A 313 -5.05 -0.92 1.67
C LYS A 313 -5.64 0.14 0.73
N THR A 314 -5.92 1.33 1.25
CA THR A 314 -6.29 2.44 0.38
C THR A 314 -5.00 3.18 0.01
N GLY A 315 -5.11 4.06 -0.99
CA GLY A 315 -3.91 4.78 -1.40
C GLY A 315 -4.27 6.00 -2.21
N SER A 316 -3.58 7.12 -1.97
CA SER A 316 -3.93 8.30 -2.73
C SER A 316 -2.74 9.24 -2.91
N THR A 317 -2.83 10.01 -3.99
CA THR A 317 -1.93 11.08 -4.36
C THR A 317 -2.73 12.33 -4.71
N GLY A 318 -2.05 13.39 -5.11
CA GLY A 318 -2.72 14.64 -5.45
C GLY A 318 -3.92 14.47 -6.36
N GLY A 319 -3.75 13.70 -7.44
CA GLY A 319 -4.84 13.51 -8.38
C GLY A 319 -5.21 12.07 -8.63
N PHE A 320 -4.77 11.14 -7.78
CA PHE A 320 -5.09 9.73 -8.02
C PHE A 320 -5.81 9.09 -6.83
N GLY A 321 -6.51 8.00 -7.10
CA GLY A 321 -7.23 7.26 -6.09
C GLY A 321 -7.18 5.77 -6.38
N SER A 322 -6.70 5.00 -5.41
CA SER A 322 -6.56 3.55 -5.61
C SER A 322 -6.99 2.80 -4.35
N TYR A 323 -7.29 1.52 -4.55
CA TYR A 323 -7.80 0.68 -3.48
C TYR A 323 -7.72 -0.79 -3.83
N VAL A 324 -7.21 -1.61 -2.92
CA VAL A 324 -7.16 -3.05 -3.14
C VAL A 324 -7.64 -3.80 -1.90
N ALA A 325 -8.26 -4.94 -2.15
CA ALA A 325 -8.79 -5.84 -1.13
C ALA A 325 -8.93 -7.24 -1.69
N PHE A 326 -8.97 -8.24 -0.81
CA PHE A 326 -9.11 -9.60 -1.31
C PHE A 326 -9.27 -10.60 -0.17
N ILE A 327 -10.34 -11.40 -0.16
CA ILE A 327 -10.38 -12.41 0.91
C ILE A 327 -9.71 -13.68 0.40
N PRO A 328 -8.55 -13.93 1.02
CA PRO A 328 -7.63 -15.00 0.63
C PRO A 328 -8.25 -16.38 0.78
N GLU A 329 -9.15 -16.52 1.75
CA GLU A 329 -9.79 -17.82 1.89
C GLU A 329 -10.64 -18.11 0.65
N LYS A 330 -11.30 -17.06 0.15
CA LYS A 330 -12.22 -17.25 -0.96
C LYS A 330 -11.66 -16.79 -2.29
N GLN A 331 -10.51 -17.27 -2.70
CA GLN A 331 -9.79 -17.07 -3.94
C GLN A 331 -10.10 -15.81 -4.73
N ILE A 332 -10.52 -14.70 -4.11
CA ILE A 332 -10.90 -13.54 -4.89
C ILE A 332 -10.42 -12.24 -4.23
N GLY A 333 -10.48 -11.20 -5.03
CA GLY A 333 -10.01 -9.87 -4.70
C GLY A 333 -10.23 -8.96 -5.90
N ILE A 334 -10.26 -7.66 -5.66
CA ILE A 334 -10.51 -6.71 -6.73
C ILE A 334 -9.46 -5.61 -6.74
N VAL A 335 -9.40 -4.85 -7.82
CA VAL A 335 -8.46 -3.74 -7.94
C VAL A 335 -9.12 -2.54 -8.61
N MET A 336 -9.11 -1.38 -7.95
CA MET A 336 -9.73 -0.22 -8.54
C MET A 336 -8.73 0.95 -8.65
N LEU A 337 -8.32 1.27 -9.87
CA LEU A 337 -7.43 2.40 -10.11
C LEU A 337 -8.17 3.60 -10.70
N ALA A 338 -8.04 4.77 -10.08
CA ALA A 338 -8.76 5.92 -10.64
C ALA A 338 -7.86 7.13 -10.78
N ASN A 339 -8.03 7.91 -11.86
CA ASN A 339 -7.19 9.10 -12.02
C ASN A 339 -7.82 10.31 -11.34
N THR A 340 -8.04 10.15 -10.03
CA THR A 340 -8.61 11.24 -9.24
C THR A 340 -8.61 10.86 -7.77
N SER A 341 -8.77 11.82 -6.86
CA SER A 341 -8.85 11.41 -5.46
C SER A 341 -10.26 11.66 -4.93
N TYR A 342 -10.91 10.58 -4.52
CA TYR A 342 -12.27 10.62 -3.99
C TYR A 342 -12.37 9.78 -2.71
N PRO A 343 -13.27 10.24 -1.84
CA PRO A 343 -13.54 9.71 -0.51
C PRO A 343 -13.29 8.21 -0.35
N ASN A 344 -12.39 7.86 0.56
CA ASN A 344 -12.07 6.47 0.80
C ASN A 344 -13.31 5.61 1.06
N PRO A 345 -14.24 5.98 1.93
CA PRO A 345 -15.41 5.11 2.16
C PRO A 345 -16.15 4.80 0.87
N ALA A 346 -16.06 5.67 -0.13
CA ALA A 346 -16.74 5.44 -1.40
C ALA A 346 -16.06 4.33 -2.20
N ARG A 347 -14.73 4.30 -2.18
CA ARG A 347 -14.00 3.24 -2.86
C ARG A 347 -14.36 1.87 -2.27
N VAL A 348 -14.28 1.81 -0.94
CA VAL A 348 -14.46 0.50 -0.28
C VAL A 348 -15.92 0.09 -0.31
N GLU A 349 -16.86 1.02 -0.46
CA GLU A 349 -18.25 0.59 -0.57
C GLU A 349 -18.46 -0.27 -1.82
N ALA A 350 -18.19 0.36 -2.96
CA ALA A 350 -18.32 -0.23 -4.28
C ALA A 350 -17.65 -1.60 -4.35
N ALA A 351 -16.44 -1.70 -3.79
CA ALA A 351 -15.71 -2.97 -3.83
C ALA A 351 -16.56 -4.11 -3.26
N TYR A 352 -16.98 -3.91 -2.01
CA TYR A 352 -17.79 -4.86 -1.26
C TYR A 352 -18.92 -5.41 -2.13
N HIS A 353 -19.69 -4.50 -2.73
CA HIS A 353 -20.77 -4.85 -3.65
C HIS A 353 -20.29 -5.93 -4.63
N ILE A 354 -19.43 -5.49 -5.54
CA ILE A 354 -18.83 -6.36 -6.53
C ILE A 354 -18.17 -7.57 -5.88
N LEU A 355 -17.63 -7.42 -4.68
CA LEU A 355 -16.90 -8.57 -4.13
C LEU A 355 -17.85 -9.61 -3.57
N GLU A 356 -18.81 -9.21 -2.75
CA GLU A 356 -19.72 -10.17 -2.15
C GLU A 356 -20.68 -10.77 -3.18
N ALA A 357 -20.66 -10.24 -4.39
CA ALA A 357 -21.44 -10.77 -5.49
C ALA A 357 -20.73 -11.97 -6.12
N LEU A 358 -19.45 -12.12 -5.80
CA LEU A 358 -18.69 -13.24 -6.34
C LEU A 358 -18.92 -14.50 -5.51
N GLN A 359 -19.63 -14.32 -4.40
CA GLN A 359 -19.94 -15.40 -3.48
C GLN A 359 -21.33 -15.98 -3.75
B IAP B . -1.19 7.53 0.98
O1 IAP B . -2.20 7.19 1.96
O2 IAP B . -1.84 7.77 -0.30
C1 IAP B . -0.40 8.85 1.45
C2 IAP B . -0.21 9.08 2.82
C3 IAP B . 0.48 10.21 3.25
C4 IAP B . 0.95 11.11 2.29
C5 IAP B . 0.80 10.90 0.91
C6 IAP B . 0.11 9.74 0.51
N1 IAP B . 1.34 11.85 0.10
C7 IAP B . 2.03 12.97 0.40
O3 IAP B . 2.32 13.43 1.51
C8 IAP B . 2.43 13.73 -0.84
I IAP B . 0.86 13.78 -2.28
#